data_4H07
#
_entry.id   4H07
#
_cell.length_a   90.531
_cell.length_b   90.531
_cell.length_c   45.158
_cell.angle_alpha   90.000
_cell.angle_beta   90.000
_cell.angle_gamma   120.000
#
_symmetry.space_group_name_H-M   'P 6'
#
loop_
_entity.id
_entity.type
_entity.pdbx_description
1 polymer Myoglobin
2 non-polymer 'PROTOPORPHYRIN IX CONTAINING FE'
3 non-polymer PHENOL
4 non-polymer 'SULFATE ION'
5 non-polymer 1,2-ETHANEDIOL
6 water water
#
_entity_poly.entity_id   1
_entity_poly.type   'polypeptide(L)'
_entity_poly.pdbx_seq_one_letter_code
;MVLSEGEWQLVLHVWAKVEADVAGHGQDILIRLFKSHPETLEKFDRFKHLKTEAEMKASEDLKKHTVTVLTALGAILKKK
GHHEAELKPLAQSHATKHKIPIKYLEFISEAIIHVLHSRHPGDFGADAQGAMNKALELFRKDIAAKYKELGYQG
;
_entity_poly.pdbx_strand_id   A
#
loop_
_chem_comp.id
_chem_comp.type
_chem_comp.name
_chem_comp.formula
EDO non-polymer 1,2-ETHANEDIOL 'C2 H6 O2'
HEM non-polymer 'PROTOPORPHYRIN IX CONTAINING FE' 'C34 H32 Fe N4 O4'
IPH non-polymer PHENOL 'C6 H6 O'
SO4 non-polymer 'SULFATE ION' 'O4 S -2'
#
# COMPACT_ATOMS: atom_id res chain seq x y z
N MET A 1 -1.50 -4.23 -18.59
CA MET A 1 -0.67 -5.43 -18.22
C MET A 1 -1.50 -6.46 -17.46
N VAL A 2 -0.96 -7.66 -17.41
CA VAL A 2 -1.75 -8.75 -16.73
C VAL A 2 -0.74 -9.71 -16.07
N LEU A 3 -0.95 -9.96 -14.80
CA LEU A 3 -0.09 -10.92 -14.10
C LEU A 3 -0.49 -12.36 -14.43
N SER A 4 0.51 -13.24 -14.45
CA SER A 4 0.23 -14.65 -14.57
C SER A 4 -0.29 -15.20 -13.21
N GLU A 5 -0.94 -16.37 -13.27
CA GLU A 5 -1.31 -17.05 -12.02
C GLU A 5 -0.10 -17.30 -11.15
N GLY A 6 1.04 -17.70 -11.71
CA GLY A 6 2.24 -17.94 -10.92
C GLY A 6 2.70 -16.69 -10.22
N GLU A 7 2.63 -15.53 -10.90
CA GLU A 7 2.96 -14.26 -10.26
C GLU A 7 1.98 -13.94 -9.14
N TRP A 8 0.68 -14.14 -9.34
CA TRP A 8 -0.27 -13.93 -8.26
C TRP A 8 0.03 -14.81 -7.08
N GLN A 9 0.40 -16.07 -7.31
CA GLN A 9 0.68 -16.93 -6.19
C GLN A 9 1.90 -16.45 -5.40
N LEU A 10 2.91 -15.88 -6.04
CA LEU A 10 4.01 -15.29 -5.28
C LEU A 10 3.56 -14.13 -4.45
N VAL A 11 2.68 -13.30 -4.96
CA VAL A 11 2.10 -12.18 -4.21
C VAL A 11 1.35 -12.70 -3.00
N LEU A 12 0.46 -13.68 -3.24
CA LEU A 12 -0.40 -14.14 -2.15
C LEU A 12 0.37 -14.92 -1.13
N HIS A 13 1.46 -15.59 -1.50
CA HIS A 13 2.23 -16.36 -0.53
C HIS A 13 2.99 -15.43 0.42
N VAL A 14 3.48 -14.27 0.02
CA VAL A 14 4.05 -13.34 0.98
C VAL A 14 2.94 -12.65 1.78
N TRP A 15 1.80 -12.37 1.14
CA TRP A 15 0.72 -11.70 1.89
C TRP A 15 0.22 -12.59 3.02
N ALA A 16 0.27 -13.92 2.81
CA ALA A 16 -0.13 -14.84 3.89
C ALA A 16 0.72 -14.61 5.14
N LYS A 17 2.01 -14.25 4.97
CA LYS A 17 2.90 -13.95 6.11
C LYS A 17 2.53 -12.63 6.75
N VAL A 18 2.27 -11.58 5.94
CA VAL A 18 1.77 -10.32 6.47
C VAL A 18 0.63 -10.56 7.40
N GLU A 19 -0.30 -11.46 6.99
CA GLU A 19 -1.52 -11.70 7.79
C GLU A 19 -1.28 -12.41 9.07
N ALA A 20 -0.08 -12.91 9.37
CA ALA A 20 0.19 -13.35 10.73
C ALA A 20 0.05 -12.16 11.72
N ASP A 21 0.31 -10.96 11.26
CA ASP A 21 0.33 -9.78 12.17
C ASP A 21 0.18 -8.57 11.29
N VAL A 22 -1.03 -8.32 10.81
CA VAL A 22 -1.19 -7.21 9.90
C VAL A 22 -0.88 -5.90 10.56
N ALA A 23 -1.22 -5.75 11.85
CA ALA A 23 -0.96 -4.47 12.49
C ALA A 23 0.54 -4.13 12.54
N GLY A 24 1.40 -5.11 12.90
CA GLY A 24 2.81 -4.80 12.96
C GLY A 24 3.40 -4.48 11.63
N HIS A 25 2.97 -5.21 10.56
CA HIS A 25 3.40 -4.90 9.24
C HIS A 25 2.94 -3.51 8.80
N GLY A 26 1.69 -3.18 9.14
CA GLY A 26 1.14 -1.89 8.79
C GLY A 26 1.88 -0.74 9.42
N GLN A 27 2.20 -0.87 10.71
CA GLN A 27 3.01 0.16 11.37
C GLN A 27 4.33 0.33 10.64
N ASP A 28 5.00 -0.79 10.35
CA ASP A 28 6.31 -0.69 9.71
C ASP A 28 6.19 0.02 8.36
N ILE A 29 5.17 -0.31 7.56
CA ILE A 29 5.06 0.25 6.23
C ILE A 29 4.73 1.75 6.27
N LEU A 30 3.76 2.18 7.06
CA LEU A 30 3.46 3.63 7.08
C LEU A 30 4.58 4.39 7.69
N ILE A 31 5.24 3.86 8.74
CA ILE A 31 6.38 4.59 9.34
C ILE A 31 7.49 4.69 8.31
N ARG A 32 7.78 3.61 7.55
CA ARG A 32 8.80 3.70 6.51
C ARG A 32 8.44 4.74 5.47
N LEU A 33 7.18 4.80 5.01
CA LEU A 33 6.75 5.84 4.10
C LEU A 33 7.04 7.26 4.67
N PHE A 34 6.62 7.49 5.91
CA PHE A 34 6.80 8.83 6.50
C PHE A 34 8.25 9.17 6.67
N LYS A 35 9.09 8.21 7.01
CA LYS A 35 10.57 8.46 7.15
C LYS A 35 11.19 8.71 5.79
N SER A 36 10.88 7.94 4.80
CA SER A 36 11.55 8.05 3.51
C SER A 36 11.04 9.25 2.70
N HIS A 37 9.78 9.62 2.87
CA HIS A 37 9.15 10.68 2.10
C HIS A 37 8.30 11.49 3.06
N PRO A 38 8.91 12.37 3.89
CA PRO A 38 8.15 13.02 4.95
C PRO A 38 7.00 13.89 4.48
N GLU A 39 7.07 14.38 3.24
CA GLU A 39 5.95 15.18 2.70
C GLU A 39 4.64 14.40 2.74
N THR A 40 4.70 13.07 2.64
CA THR A 40 3.47 12.28 2.63
C THR A 40 2.69 12.41 3.93
N LEU A 41 3.43 12.56 5.06
CA LEU A 41 2.73 12.67 6.35
C LEU A 41 1.78 13.88 6.38
N GLU A 42 2.16 14.95 5.66
CA GLU A 42 1.34 16.19 5.64
C GLU A 42 -0.02 15.97 5.01
N LYS A 43 -0.26 14.91 4.28
CA LYS A 43 -1.56 14.60 3.78
C LYS A 43 -2.51 14.09 4.84
N PHE A 44 -1.96 13.67 6.00
CA PHE A 44 -2.76 13.08 7.04
C PHE A 44 -2.97 14.11 8.14
N ASP A 45 -4.06 14.87 8.06
CA ASP A 45 -4.39 15.75 9.19
C ASP A 45 -4.49 15.00 10.48
N ARG A 46 -4.86 13.75 10.48
CA ARG A 46 -5.03 12.99 11.67
C ARG A 46 -3.67 12.61 12.39
N PHE A 47 -2.60 12.58 11.62
CA PHE A 47 -1.31 12.05 12.08
C PHE A 47 -0.15 13.01 11.97
N LYS A 48 -0.33 14.17 11.32
CA LYS A 48 0.83 14.99 10.95
C LYS A 48 1.49 15.67 12.17
N HIS A 49 0.85 15.61 13.33
CA HIS A 49 1.50 16.11 14.53
C HIS A 49 2.57 15.17 15.02
N LEU A 50 2.59 13.89 14.62
CA LEU A 50 3.56 12.95 15.15
C LEU A 50 4.95 13.32 14.70
N LYS A 51 5.90 13.39 15.67
CA LYS A 51 7.21 13.98 15.37
C LYS A 51 8.29 12.98 15.13
N THR A 52 8.19 11.76 15.67
CA THR A 52 9.27 10.77 15.72
C THR A 52 8.70 9.41 15.43
N GLU A 53 9.63 8.50 15.07
CA GLU A 53 9.23 7.11 14.93
C GLU A 53 8.66 6.54 16.21
N ALA A 54 9.24 6.95 17.38
CA ALA A 54 8.71 6.43 18.59
C ALA A 54 7.25 6.87 18.82
N GLU A 55 6.91 8.14 18.53
CA GLU A 55 5.54 8.57 18.64
C GLU A 55 4.64 7.80 17.66
N MET A 56 5.11 7.58 16.44
CA MET A 56 4.30 6.84 15.48
C MET A 56 4.03 5.43 15.95
N LYS A 57 5.04 4.74 16.47
CA LYS A 57 4.90 3.39 16.93
C LYS A 57 3.90 3.34 18.09
N ALA A 58 3.90 4.38 18.96
CA ALA A 58 3.06 4.35 20.13
C ALA A 58 1.63 4.72 19.84
N SER A 59 1.31 5.24 18.63
CA SER A 59 -0.03 5.71 18.34
C SER A 59 -0.97 4.56 18.03
N GLU A 60 -1.93 4.30 18.92
CA GLU A 60 -2.93 3.28 18.67
C GLU A 60 -3.79 3.67 17.48
N ASP A 61 -4.08 4.98 17.32
CA ASP A 61 -4.93 5.38 16.21
C ASP A 61 -4.19 5.14 14.88
N LEU A 62 -2.90 5.43 14.79
CA LEU A 62 -2.16 5.13 13.55
C LEU A 62 -2.18 3.63 13.29
N LYS A 63 -1.94 2.83 14.33
CA LYS A 63 -1.94 1.38 14.17
C LYS A 63 -3.23 0.92 13.51
N LYS A 64 -4.35 1.35 14.06
CA LYS A 64 -5.67 1.01 13.52
C LYS A 64 -5.80 1.41 12.05
N HIS A 65 -5.37 2.61 11.70
CA HIS A 65 -5.45 3.01 10.32
C HIS A 65 -4.61 2.10 9.41
N THR A 66 -3.41 1.71 9.89
CA THR A 66 -2.59 0.87 9.03
C THR A 66 -3.24 -0.51 8.78
N VAL A 67 -3.99 -0.99 9.77
CA VAL A 67 -4.74 -2.22 9.58
C VAL A 67 -5.79 -2.04 8.51
N THR A 68 -6.51 -0.93 8.55
CA THR A 68 -7.50 -0.62 7.50
C THR A 68 -6.84 -0.57 6.14
N VAL A 69 -5.70 0.09 6.02
CA VAL A 69 -5.00 0.22 4.75
C VAL A 69 -4.59 -1.15 4.21
N LEU A 70 -3.87 -1.92 5.04
CA LEU A 70 -3.37 -3.20 4.54
C LEU A 70 -4.48 -4.18 4.26
N THR A 71 -5.59 -4.13 5.05
CA THR A 71 -6.70 -5.03 4.76
C THR A 71 -7.36 -4.67 3.45
N ALA A 72 -7.49 -3.38 3.15
CA ALA A 72 -8.05 -2.95 1.87
C ALA A 72 -7.14 -3.41 0.73
N LEU A 73 -5.84 -3.21 0.87
CA LEU A 73 -4.91 -3.66 -0.18
C LEU A 73 -4.94 -5.18 -0.32
N GLY A 74 -4.98 -5.92 0.79
CA GLY A 74 -5.05 -7.38 0.70
C GLY A 74 -6.29 -7.82 -0.03
N ALA A 75 -7.44 -7.17 0.19
CA ALA A 75 -8.65 -7.58 -0.49
C ALA A 75 -8.51 -7.34 -1.98
N ILE A 76 -7.86 -6.25 -2.38
CA ILE A 76 -7.55 -5.97 -3.78
C ILE A 76 -6.64 -7.06 -4.36
N LEU A 77 -5.55 -7.38 -3.69
CA LEU A 77 -4.61 -8.38 -4.20
C LEU A 77 -5.29 -9.72 -4.37
N LYS A 78 -6.17 -10.10 -3.46
CA LYS A 78 -6.86 -11.39 -3.54
C LYS A 78 -7.79 -11.47 -4.73
N LYS A 79 -8.21 -10.37 -5.29
CA LYS A 79 -8.99 -10.37 -6.51
C LYS A 79 -8.15 -10.66 -7.76
N LYS A 80 -6.81 -10.65 -7.65
CA LYS A 80 -5.95 -11.06 -8.78
C LYS A 80 -6.27 -10.25 -10.02
N GLY A 81 -6.45 -8.94 -9.86
CA GLY A 81 -6.69 -8.05 -10.97
C GLY A 81 -8.16 -7.70 -11.18
N HIS A 82 -9.07 -8.50 -10.62
CA HIS A 82 -10.52 -8.26 -10.83
C HIS A 82 -11.05 -7.34 -9.70
N HIS A 83 -10.46 -6.15 -9.61
CA HIS A 83 -10.63 -5.31 -8.42
C HIS A 83 -11.39 -4.02 -8.70
N GLU A 84 -12.18 -3.99 -9.79
CA GLU A 84 -12.90 -2.75 -10.12
C GLU A 84 -13.80 -2.31 -8.98
N ALA A 85 -14.52 -3.20 -8.32
CA ALA A 85 -15.44 -2.77 -7.29
C ALA A 85 -14.72 -2.22 -6.13
N GLU A 86 -13.59 -2.79 -5.75
CA GLU A 86 -12.79 -2.30 -4.62
C GLU A 86 -12.10 -1.01 -4.95
N LEU A 87 -11.67 -0.79 -6.18
CA LEU A 87 -10.95 0.41 -6.51
C LEU A 87 -11.80 1.63 -6.59
N LYS A 88 -13.07 1.49 -6.98
CA LYS A 88 -13.96 2.68 -7.13
C LYS A 88 -13.97 3.54 -5.95
N PRO A 89 -14.38 3.00 -4.76
CA PRO A 89 -14.52 3.92 -3.62
C PRO A 89 -13.20 4.52 -3.19
N LEU A 90 -12.15 3.70 -3.29
CA LEU A 90 -10.82 4.15 -2.83
C LEU A 90 -10.28 5.21 -3.76
N ALA A 91 -10.40 5.03 -5.08
CA ALA A 91 -9.94 6.04 -6.00
C ALA A 91 -10.73 7.34 -5.77
N GLN A 92 -12.04 7.25 -5.52
CA GLN A 92 -12.81 8.49 -5.32
C GLN A 92 -12.32 9.21 -4.08
N SER A 93 -12.21 8.51 -2.94
CA SER A 93 -11.81 9.20 -1.73
C SER A 93 -10.40 9.76 -1.86
N HIS A 94 -9.48 8.99 -2.44
CA HIS A 94 -8.08 9.41 -2.50
C HIS A 94 -7.89 10.52 -3.54
N ALA A 95 -8.73 10.57 -4.59
CA ALA A 95 -8.66 11.68 -5.53
C ALA A 95 -9.28 12.96 -4.92
N THR A 96 -10.46 12.85 -4.37
CA THR A 96 -11.30 14.05 -4.14
C THR A 96 -11.20 14.52 -2.72
N LYS A 97 -11.12 13.61 -1.75
CA LYS A 97 -10.99 14.02 -0.38
C LYS A 97 -9.54 14.13 0.04
N HIS A 98 -8.75 13.07 -0.15
CA HIS A 98 -7.43 13.09 0.41
C HIS A 98 -6.38 13.73 -0.48
N LYS A 99 -6.65 13.72 -1.80
CA LYS A 99 -5.76 14.31 -2.83
C LYS A 99 -4.38 13.69 -2.84
N ILE A 100 -4.32 12.39 -3.15
CA ILE A 100 -3.08 11.61 -3.12
C ILE A 100 -2.59 11.40 -4.54
N PRO A 101 -1.46 12.07 -4.90
CA PRO A 101 -0.96 11.90 -6.26
C PRO A 101 -0.39 10.49 -6.49
N ILE A 102 -0.32 10.08 -7.74
CA ILE A 102 0.27 8.81 -8.11
C ILE A 102 1.71 8.71 -7.57
N LYS A 103 2.47 9.83 -7.56
CA LYS A 103 3.82 9.76 -7.03
C LYS A 103 3.82 9.23 -5.57
N TYR A 104 2.81 9.65 -4.76
CA TYR A 104 2.77 9.18 -3.39
C TYR A 104 2.35 7.73 -3.28
N LEU A 105 1.56 7.22 -4.22
CA LEU A 105 1.30 5.79 -4.32
C LEU A 105 2.55 5.04 -4.75
N GLU A 106 3.41 5.60 -5.57
CA GLU A 106 4.72 5.01 -5.82
C GLU A 106 5.51 4.94 -4.51
N PHE A 107 5.51 6.03 -3.73
CA PHE A 107 6.25 5.99 -2.50
C PHE A 107 5.72 4.90 -1.54
N ILE A 108 4.41 4.74 -1.41
CA ILE A 108 3.93 3.70 -0.46
C ILE A 108 4.24 2.32 -1.02
N SER A 109 4.26 2.17 -2.35
CA SER A 109 4.65 0.91 -2.95
C SER A 109 6.10 0.53 -2.62
N GLU A 110 6.97 1.56 -2.67
CA GLU A 110 8.37 1.38 -2.26
C GLU A 110 8.41 0.92 -0.81
N ALA A 111 7.62 1.55 0.09
CA ALA A 111 7.64 1.19 1.50
C ALA A 111 7.18 -0.23 1.72
N ILE A 112 6.11 -0.66 1.01
CA ILE A 112 5.64 -2.04 1.10
C ILE A 112 6.75 -3.01 0.72
N ILE A 113 7.37 -2.76 -0.45
CA ILE A 113 8.44 -3.65 -0.93
C ILE A 113 9.59 -3.66 0.07
N HIS A 114 9.98 -2.52 0.63
CA HIS A 114 11.06 -2.48 1.59
C HIS A 114 10.77 -3.35 2.81
N VAL A 115 9.59 -3.18 3.39
CA VAL A 115 9.27 -3.93 4.58
C VAL A 115 9.15 -5.41 4.32
N LEU A 116 8.54 -5.80 3.19
CA LEU A 116 8.46 -7.23 2.88
C LEU A 116 9.84 -7.82 2.62
N HIS A 117 10.72 -7.04 1.98
CA HIS A 117 12.12 -7.50 1.76
C HIS A 117 12.80 -7.72 3.08
N SER A 118 12.62 -6.81 4.04
CA SER A 118 13.26 -6.93 5.35
C SER A 118 12.73 -8.07 6.14
N ARG A 119 11.42 -8.20 6.26
CA ARG A 119 10.81 -9.14 7.14
C ARG A 119 10.73 -10.55 6.55
N HIS A 120 10.62 -10.69 5.25
CA HIS A 120 10.21 -11.97 4.61
C HIS A 120 11.19 -12.41 3.55
N PRO A 121 12.50 -12.53 3.84
CA PRO A 121 13.39 -13.08 2.81
C PRO A 121 13.00 -14.52 2.37
N GLY A 122 12.29 -15.28 3.20
CA GLY A 122 11.87 -16.61 2.78
C GLY A 122 10.78 -16.63 1.73
N ASP A 123 10.03 -15.54 1.59
CA ASP A 123 8.97 -15.49 0.63
C ASP A 123 9.05 -14.23 -0.23
N PHE A 124 10.22 -13.57 -0.25
CA PHE A 124 10.35 -12.32 -0.93
C PHE A 124 11.75 -12.24 -1.57
N GLY A 125 12.12 -13.34 -2.23
CA GLY A 125 13.28 -13.30 -3.14
C GLY A 125 12.97 -12.52 -4.41
N ALA A 126 13.88 -12.57 -5.35
CA ALA A 126 13.80 -11.67 -6.50
C ALA A 126 12.52 -11.92 -7.31
N ASP A 127 12.21 -13.17 -7.61
CA ASP A 127 11.00 -13.41 -8.40
C ASP A 127 9.76 -12.93 -7.66
N ALA A 128 9.69 -13.19 -6.35
CA ALA A 128 8.52 -12.75 -5.57
C ALA A 128 8.44 -11.21 -5.54
N GLN A 129 9.58 -10.53 -5.37
CA GLN A 129 9.56 -9.08 -5.41
C GLN A 129 9.11 -8.57 -6.74
N GLY A 130 9.57 -9.20 -7.82
CA GLY A 130 9.13 -8.78 -9.16
C GLY A 130 7.58 -8.94 -9.32
N ALA A 131 7.05 -10.03 -8.78
CA ALA A 131 5.60 -10.26 -8.88
C ALA A 131 4.84 -9.17 -8.07
N MET A 132 5.31 -8.89 -6.85
CA MET A 132 4.68 -7.85 -6.05
C MET A 132 4.79 -6.49 -6.74
N ASN A 133 5.97 -6.17 -7.29
CA ASN A 133 6.09 -4.94 -8.03
C ASN A 133 5.06 -4.86 -9.17
N LYS A 134 4.90 -5.97 -9.90
CA LYS A 134 3.91 -5.98 -11.02
C LYS A 134 2.50 -5.74 -10.46
N ALA A 135 2.15 -6.39 -9.36
CA ALA A 135 0.80 -6.22 -8.78
C ALA A 135 0.58 -4.79 -8.37
N LEU A 136 1.56 -4.15 -7.72
CA LEU A 136 1.42 -2.79 -7.28
C LEU A 136 1.41 -1.82 -8.45
N GLU A 137 2.18 -2.11 -9.48
CA GLU A 137 2.15 -1.30 -10.71
C GLU A 137 0.77 -1.38 -11.36
N LEU A 138 0.19 -2.58 -11.41
CA LEU A 138 -1.17 -2.76 -11.97
C LEU A 138 -2.14 -1.92 -11.16
N PHE A 139 -2.06 -2.02 -9.85
CA PHE A 139 -2.94 -1.23 -8.94
C PHE A 139 -2.80 0.26 -9.24
N ARG A 140 -1.57 0.75 -9.32
CA ARG A 140 -1.38 2.17 -9.61
C ARG A 140 -1.85 2.57 -10.97
N LYS A 141 -1.62 1.74 -11.99
CA LYS A 141 -2.12 2.07 -13.35
C LYS A 141 -3.64 2.14 -13.37
N ASP A 142 -4.30 1.20 -12.72
CA ASP A 142 -5.76 1.22 -12.68
C ASP A 142 -6.27 2.39 -11.87
N ILE A 143 -5.62 2.73 -10.76
CA ILE A 143 -6.01 3.95 -10.03
C ILE A 143 -5.79 5.18 -10.87
N ALA A 144 -4.66 5.28 -11.58
CA ALA A 144 -4.44 6.47 -12.40
C ALA A 144 -5.56 6.59 -13.47
N ALA A 145 -6.00 5.50 -14.03
CA ALA A 145 -7.08 5.56 -15.04
C ALA A 145 -8.36 6.05 -14.37
N LYS A 146 -8.65 5.59 -13.14
CA LYS A 146 -9.84 6.02 -12.44
C LYS A 146 -9.72 7.48 -12.04
N TYR A 147 -8.55 7.91 -11.56
CA TYR A 147 -8.35 9.32 -11.26
C TYR A 147 -8.71 10.18 -12.46
N LYS A 148 -8.25 9.80 -13.64
CA LYS A 148 -8.56 10.61 -14.84
C LYS A 148 -10.08 10.62 -15.07
N GLU A 149 -10.74 9.51 -14.93
CA GLU A 149 -12.19 9.51 -15.09
C GLU A 149 -12.89 10.37 -14.05
N LEU A 150 -12.36 10.50 -12.85
CA LEU A 150 -12.90 11.25 -11.75
C LEU A 150 -12.58 12.74 -11.81
N GLY A 151 -11.67 13.13 -12.72
CA GLY A 151 -11.31 14.55 -12.86
C GLY A 151 -10.09 14.96 -12.11
N TYR A 152 -9.28 14.02 -11.58
CA TYR A 152 -8.10 14.37 -10.78
C TYR A 152 -6.87 14.03 -11.61
N GLN A 153 -6.01 15.03 -11.71
CA GLN A 153 -4.75 14.83 -12.46
C GLN A 153 -3.84 13.80 -11.82
N GLY A 154 -3.81 13.67 -10.53
CA GLY A 154 -2.89 12.68 -9.93
C GLY A 154 -1.49 13.04 -9.94
CHA HEM B . -7.79 6.74 4.13
CHB HEM B . -6.41 2.76 1.84
CHC HEM B . -2.46 5.03 0.23
CHD HEM B . -3.84 9.02 2.54
C1A HEM B . -7.79 5.47 3.63
C2A HEM B . -8.78 4.45 3.87
C3A HEM B . -8.36 3.30 3.23
C4A HEM B . -7.13 3.61 2.60
CMA HEM B . -9.08 1.98 3.17
CAA HEM B . -10.09 4.67 4.60
CBA HEM B . -11.29 4.82 3.66
CGA HEM B . -11.12 5.91 2.67
O1A HEM B . -11.05 5.65 1.47
O2A HEM B . -11.00 7.10 3.07
C1B HEM B . -5.21 3.02 1.17
C2B HEM B . -4.47 2.05 0.35
C3B HEM B . -3.36 2.70 -0.09
C4B HEM B . -3.39 4.07 0.45
CMB HEM B . -4.93 0.67 0.10
CAB HEM B . -2.25 2.21 -0.89
CBB HEM B . -1.73 0.96 -0.81
C1C HEM B . -2.43 6.34 0.74
C2C HEM B . -1.36 7.27 0.65
C3C HEM B . -1.75 8.39 1.33
C4C HEM B . -3.08 8.16 1.81
CMC HEM B . -0.05 6.98 -0.05
CAC HEM B . -0.98 9.64 1.66
CBC HEM B . 0.23 9.94 1.17
C1D HEM B . -5.04 8.78 3.16
C2D HEM B . -5.73 9.70 4.04
C3D HEM B . -6.82 9.02 4.55
C4D HEM B . -6.82 7.70 3.94
CMD HEM B . -5.27 11.10 4.39
CAD HEM B . -7.74 9.48 5.63
CBD HEM B . -7.15 9.15 7.02
CGD HEM B . -8.10 9.65 8.06
O1D HEM B . -8.07 10.93 8.39
O2D HEM B . -8.88 8.89 8.62
NA HEM B . -6.77 4.92 2.86
NB HEM B . -4.56 4.22 1.21
NC HEM B . -3.47 6.90 1.44
ND HEM B . -5.73 7.59 3.10
FE HEM B . -5.17 5.94 2.11
C1 IPH C . -5.39 5.68 -3.73
C2 IPH C . -6.32 5.44 -4.71
C3 IPH C . -6.96 4.22 -4.74
C4 IPH C . -6.73 3.23 -3.77
C5 IPH C . -5.82 3.53 -2.76
C6 IPH C . -5.13 4.72 -2.71
O1 IPH C . -4.68 6.90 -3.73
S SO4 D . -20.76 3.93 -7.26
O1 SO4 D . -20.25 4.40 -8.42
O2 SO4 D . -21.97 4.62 -6.79
O3 SO4 D . -21.01 2.53 -7.20
O4 SO4 D . -19.85 4.51 -6.25
S SO4 E . 13.05 8.73 16.38
O1 SO4 E . 13.36 9.93 17.05
O2 SO4 E . 14.28 7.97 16.30
O3 SO4 E . 12.04 7.88 17.26
O4 SO4 E . 12.37 8.96 15.04
S SO4 F . 4.78 -17.93 -14.82
O1 SO4 F . 4.71 -16.44 -14.55
O2 SO4 F . 6.06 -18.29 -15.42
O3 SO4 F . 4.71 -18.53 -13.42
O4 SO4 F . 3.64 -18.58 -15.63
S SO4 G . -9.65 3.96 10.19
O1 SO4 G . -10.16 4.63 11.27
O2 SO4 G . -9.66 2.59 10.34
O3 SO4 G . -10.32 4.51 8.94
O4 SO4 G . -8.59 4.46 9.59
C1 EDO H . -11.81 17.09 -9.22
O1 EDO H . -11.00 17.99 -8.41
C2 EDO H . -11.26 15.74 -8.75
O2 EDO H . -11.16 15.72 -7.34
C1 EDO I . -11.00 19.44 -12.37
O1 EDO I . -11.68 18.25 -12.76
C2 EDO I . -10.35 19.99 -13.60
O2 EDO I . -9.37 18.96 -13.87
#